data_6X6O
#
_entry.id   6X6O
#
_cell.length_a   44.424
_cell.length_b   79.822
_cell.length_c   93.227
_cell.angle_alpha   90.000
_cell.angle_beta   90.000
_cell.angle_gamma   90.000
#
_symmetry.space_group_name_H-M   'I 2 2 2'
#
loop_
_entity.id
_entity.type
_entity.pdbx_description
1 polymer 'Protein spackle'
2 non-polymer 'CHLORIDE ION'
3 water water
#
_entity_poly.entity_id   1
_entity_poly.type   'polypeptide(L)'
_entity_poly.pdbx_seq_one_letter_code
;MKKFIFATIFALASCAAQPAMAGYDKDLCEWSMTADQTEVETQIEADIMNIVKRDRPEMKAEVQKQLKSGGVMQYNYVLY
CDKNFNNKNIIAEVVGELEHHHHHH
;
_entity_poly.pdbx_strand_id   A,B
#
# COMPACT_ATOMS: atom_id res chain seq x y z
N GLY A 23 4.38 20.24 2.92
CA GLY A 23 5.55 21.09 2.80
C GLY A 23 5.93 21.37 1.35
N TYR A 24 6.82 22.35 1.17
CA TYR A 24 7.34 22.68 -0.15
C TYR A 24 8.84 22.41 -0.19
N ASP A 25 9.25 21.53 -1.09
CA ASP A 25 10.66 21.18 -1.26
C ASP A 25 10.94 21.17 -2.75
N LYS A 26 11.73 22.13 -3.22
CA LYS A 26 11.99 22.19 -4.65
C LYS A 26 12.53 20.87 -5.18
N ASP A 27 13.45 20.24 -4.44
CA ASP A 27 14.05 18.99 -4.86
C ASP A 27 13.00 17.90 -5.06
N LEU A 28 12.25 17.57 -4.01
CA LEU A 28 11.31 16.48 -4.13
C LEU A 28 10.10 16.85 -5.00
N CYS A 29 9.68 18.11 -5.02
CA CYS A 29 8.57 18.49 -5.89
C CYS A 29 8.94 18.27 -7.36
N GLU A 30 10.08 18.83 -7.80
CA GLU A 30 10.50 18.66 -9.18
C GLU A 30 10.77 17.18 -9.50
N TRP A 31 11.46 16.46 -8.60
CA TRP A 31 11.77 15.06 -8.86
C TRP A 31 10.52 14.20 -9.02
N SER A 32 9.53 14.38 -8.13
CA SER A 32 8.32 13.57 -8.15
C SER A 32 7.45 13.86 -9.38
N MET A 33 7.66 14.98 -10.06
CA MET A 33 6.79 15.33 -11.17
C MET A 33 7.07 14.50 -12.39
N THR A 34 8.28 13.95 -12.51
CA THR A 34 8.65 13.16 -13.67
C THR A 34 9.18 11.77 -13.34
N ALA A 35 9.40 11.42 -12.07
CA ALA A 35 9.88 10.08 -11.72
C ALA A 35 8.77 9.06 -11.94
N ASP A 36 9.17 7.80 -12.13
CA ASP A 36 8.15 6.80 -12.36
C ASP A 36 7.33 6.56 -11.10
N GLN A 37 6.13 6.03 -11.29
CA GLN A 37 5.18 5.92 -10.20
C GLN A 37 5.71 5.01 -9.08
N THR A 38 6.37 3.90 -9.44
CA THR A 38 6.89 3.02 -8.40
C THR A 38 7.90 3.73 -7.52
N GLU A 39 8.78 4.54 -8.13
CA GLU A 39 9.77 5.27 -7.35
C GLU A 39 9.14 6.34 -6.46
N VAL A 40 8.13 7.06 -6.97
CA VAL A 40 7.49 8.08 -6.14
C VAL A 40 6.72 7.44 -5.01
N GLU A 41 6.07 6.30 -5.28
CA GLU A 41 5.34 5.59 -4.23
C GLU A 41 6.29 5.17 -3.12
N THR A 42 7.43 4.58 -3.49
CA THR A 42 8.42 4.18 -2.49
C THR A 42 8.86 5.38 -1.65
N GLN A 43 9.09 6.52 -2.31
CA GLN A 43 9.56 7.71 -1.61
C GLN A 43 8.51 8.23 -0.64
N ILE A 44 7.26 8.34 -1.10
CA ILE A 44 6.20 8.91 -0.26
C ILE A 44 5.96 7.99 0.95
N GLU A 45 5.87 6.69 0.70
CA GLU A 45 5.61 5.76 1.79
C GLU A 45 6.71 5.83 2.84
N ALA A 46 7.97 5.88 2.39
CA ALA A 46 9.09 6.02 3.32
C ALA A 46 8.98 7.32 4.12
N ASP A 47 8.65 8.43 3.43
CA ASP A 47 8.61 9.73 4.10
C ASP A 47 7.47 9.80 5.11
N ILE A 48 6.30 9.25 4.77
CA ILE A 48 5.18 9.28 5.71
C ILE A 48 5.50 8.45 6.95
N MET A 49 6.03 7.24 6.77
CA MET A 49 6.34 6.44 7.95
C MET A 49 7.46 7.06 8.77
N ASN A 50 8.35 7.83 8.14
CA ASN A 50 9.39 8.52 8.88
C ASN A 50 8.79 9.66 9.70
N ILE A 51 7.81 10.36 9.15
CA ILE A 51 7.10 11.41 9.89
C ILE A 51 6.42 10.81 11.11
N VAL A 52 5.78 9.66 10.92
CA VAL A 52 5.13 8.96 12.03
C VAL A 52 6.16 8.60 13.09
N LYS A 53 7.29 8.01 12.66
CA LYS A 53 8.32 7.61 13.60
C LYS A 53 8.85 8.77 14.44
N ARG A 54 9.02 9.94 13.81
CA ARG A 54 9.59 11.08 14.50
C ARG A 54 8.56 11.80 15.36
N ASP A 55 7.31 11.89 14.89
CA ASP A 55 6.33 12.81 15.45
C ASP A 55 5.19 12.14 16.23
N ARG A 56 4.82 10.91 15.91
CA ARG A 56 3.71 10.26 16.61
C ARG A 56 3.86 8.75 16.46
N PRO A 57 4.91 8.20 17.06
CA PRO A 57 5.27 6.80 16.78
C PRO A 57 4.19 5.81 17.16
N GLU A 58 3.28 6.19 18.07
CA GLU A 58 2.23 5.24 18.46
C GLU A 58 1.20 5.02 17.36
N MET A 59 1.18 5.85 16.31
CA MET A 59 0.25 5.71 15.20
C MET A 59 0.79 4.85 14.06
N LYS A 60 1.94 4.19 14.25
CA LYS A 60 2.57 3.46 13.16
C LYS A 60 1.64 2.45 12.50
N ALA A 61 1.05 1.54 13.29
CA ALA A 61 0.24 0.47 12.72
C ALA A 61 -0.98 1.01 12.00
N GLU A 62 -1.66 2.01 12.57
N GLU A 62 -1.67 2.00 12.57
CA GLU A 62 -2.87 2.54 11.96
CA GLU A 62 -2.87 2.53 11.96
C GLU A 62 -2.56 3.24 10.65
C GLU A 62 -2.56 3.22 10.64
N VAL A 63 -1.48 4.03 10.62
CA VAL A 63 -1.11 4.74 9.40
C VAL A 63 -0.65 3.77 8.32
N GLN A 64 0.19 2.79 8.68
CA GLN A 64 0.64 1.81 7.72
C GLN A 64 -0.53 1.07 7.07
N LYS A 65 -1.52 0.67 7.85
CA LYS A 65 -2.67 -0.03 7.29
C LYS A 65 -3.45 0.90 6.36
N GLN A 66 -3.61 2.17 6.74
CA GLN A 66 -4.35 3.09 5.88
C GLN A 66 -3.60 3.38 4.58
N LEU A 67 -2.26 3.40 4.61
CA LEU A 67 -1.54 3.62 3.35
C LEU A 67 -1.75 2.44 2.41
N LYS A 68 -1.76 1.23 2.96
CA LYS A 68 -2.01 0.03 2.14
C LYS A 68 -3.42 0.01 1.58
N SER A 69 -4.40 0.55 2.33
CA SER A 69 -5.77 0.46 1.88
C SER A 69 -6.11 1.56 0.89
N GLY A 70 -5.54 2.74 1.08
CA GLY A 70 -5.91 3.89 0.28
C GLY A 70 -4.87 4.36 -0.72
N GLY A 71 -3.65 3.86 -0.62
CA GLY A 71 -2.59 4.26 -1.51
C GLY A 71 -1.87 5.49 -1.00
N VAL A 72 -0.74 5.80 -1.63
CA VAL A 72 0.08 6.93 -1.21
C VAL A 72 0.19 8.05 -2.24
N MET A 73 -0.12 7.81 -3.52
CA MET A 73 0.16 8.85 -4.51
C MET A 73 -0.66 10.12 -4.30
N GLN A 74 -1.81 10.02 -3.63
CA GLN A 74 -2.64 11.20 -3.39
C GLN A 74 -1.99 12.24 -2.48
N TYR A 75 -0.92 11.87 -1.78
CA TYR A 75 -0.27 12.78 -0.84
C TYR A 75 0.90 13.53 -1.47
N ASN A 76 1.19 13.29 -2.75
CA ASN A 76 2.33 13.90 -3.40
C ASN A 76 2.29 15.42 -3.30
N TYR A 77 1.16 16.02 -3.61
CA TYR A 77 1.10 17.48 -3.64
C TYR A 77 1.30 18.07 -2.23
N VAL A 78 0.56 17.60 -1.23
CA VAL A 78 0.66 18.26 0.07
C VAL A 78 2.05 18.06 0.70
N LEU A 79 2.68 16.90 0.45
CA LEU A 79 3.93 16.61 1.13
C LEU A 79 5.10 17.42 0.57
N TYR A 80 5.12 17.60 -0.76
CA TYR A 80 6.29 18.12 -1.41
C TYR A 80 6.09 19.44 -2.16
N CYS A 81 4.87 19.81 -2.53
CA CYS A 81 4.67 20.96 -3.40
C CYS A 81 3.76 22.02 -2.79
N ASP A 82 3.59 22.03 -1.46
CA ASP A 82 2.62 22.87 -0.76
C ASP A 82 3.24 23.51 0.48
N LYS A 83 3.62 24.79 0.36
CA LYS A 83 4.30 25.46 1.46
C LYS A 83 3.42 25.62 2.67
N ASN A 84 2.10 25.57 2.49
CA ASN A 84 1.19 25.83 3.59
C ASN A 84 0.84 24.60 4.39
N PHE A 85 1.29 23.42 3.98
CA PHE A 85 0.97 22.20 4.68
C PHE A 85 2.17 21.80 5.55
N ASN A 86 1.98 21.73 6.85
CA ASN A 86 3.04 21.23 7.73
C ASN A 86 2.97 19.73 7.70
N ASN A 87 4.04 19.06 7.26
CA ASN A 87 3.97 17.62 7.10
C ASN A 87 3.68 16.81 8.36
N LYS A 88 3.89 17.38 9.55
CA LYS A 88 3.49 16.71 10.78
C LYS A 88 1.99 16.37 10.76
N ASN A 89 1.21 17.11 10.00
CA ASN A 89 -0.23 16.92 9.90
C ASN A 89 -0.63 15.84 8.92
N ILE A 90 0.33 15.15 8.28
CA ILE A 90 0.00 14.06 7.38
C ILE A 90 -0.64 12.89 8.15
N ILE A 91 -0.36 12.75 9.44
CA ILE A 91 -0.93 11.63 10.18
C ILE A 91 -2.44 11.80 10.27
N ALA A 92 -2.90 13.02 10.60
CA ALA A 92 -4.33 13.31 10.61
C ALA A 92 -4.93 13.23 9.21
N GLU A 93 -4.18 13.65 8.18
CA GLU A 93 -4.64 13.54 6.80
C GLU A 93 -4.90 12.08 6.42
N VAL A 94 -4.00 11.19 6.80
CA VAL A 94 -4.10 9.77 6.43
C VAL A 94 -5.26 9.11 7.16
N VAL A 95 -5.35 9.30 8.46
CA VAL A 95 -6.45 8.73 9.22
C VAL A 95 -7.56 9.78 9.19
N GLY B 23 -8.42 -16.33 -8.16
CA GLY B 23 -9.46 -17.36 -7.98
C GLY B 23 -10.81 -16.69 -7.81
N TYR B 24 -11.86 -17.50 -7.90
CA TYR B 24 -13.23 -17.04 -7.66
C TYR B 24 -13.72 -17.72 -6.38
N ASP B 25 -14.09 -16.93 -5.40
CA ASP B 25 -14.59 -17.37 -4.09
C ASP B 25 -15.86 -16.58 -3.82
N LYS B 26 -17.02 -17.25 -3.89
CA LYS B 26 -18.29 -16.56 -3.69
C LYS B 26 -18.32 -15.81 -2.36
N ASP B 27 -17.87 -16.49 -1.31
CA ASP B 27 -17.83 -15.90 0.02
C ASP B 27 -16.99 -14.64 0.05
N LEU B 28 -15.70 -14.75 -0.29
CA LEU B 28 -14.84 -13.59 -0.17
C LEU B 28 -15.12 -12.52 -1.23
N CYS B 29 -15.52 -12.91 -2.44
CA CYS B 29 -15.85 -11.92 -3.44
C CYS B 29 -17.01 -11.04 -2.94
N GLU B 30 -18.11 -11.67 -2.51
CA GLU B 30 -19.24 -10.89 -2.04
C GLU B 30 -18.88 -10.10 -0.78
N TRP B 31 -18.18 -10.74 0.16
CA TRP B 31 -17.82 -10.05 1.41
C TRP B 31 -16.96 -8.82 1.14
N SER B 32 -16.02 -8.93 0.19
CA SER B 32 -15.12 -7.81 -0.08
C SER B 32 -15.84 -6.60 -0.62
N MET B 33 -17.02 -6.77 -1.19
CA MET B 33 -17.81 -5.65 -1.68
C MET B 33 -18.68 -5.01 -0.63
N THR B 34 -18.83 -5.62 0.55
CA THR B 34 -19.69 -4.99 1.57
C THR B 34 -18.99 -4.66 2.88
N ALA B 35 -17.83 -5.24 3.17
CA ALA B 35 -17.09 -4.93 4.39
C ALA B 35 -16.36 -3.59 4.22
N ASP B 36 -16.01 -2.95 5.35
CA ASP B 36 -15.30 -1.68 5.21
C ASP B 36 -13.89 -1.92 4.67
N GLN B 37 -13.33 -0.86 4.09
CA GLN B 37 -12.11 -1.02 3.29
C GLN B 37 -10.93 -1.49 4.14
N THR B 38 -10.84 -1.03 5.39
CA THR B 38 -9.75 -1.46 6.26
C THR B 38 -9.81 -2.95 6.54
N GLU B 39 -11.02 -3.48 6.78
CA GLU B 39 -11.15 -4.91 6.98
C GLU B 39 -10.75 -5.68 5.74
N VAL B 40 -11.13 -5.19 4.56
CA VAL B 40 -10.82 -5.86 3.32
C VAL B 40 -9.30 -5.83 3.06
N GLU B 41 -8.66 -4.69 3.34
CA GLU B 41 -7.19 -4.62 3.26
C GLU B 41 -6.56 -5.69 4.14
N THR B 42 -7.01 -5.82 5.39
CA THR B 42 -6.43 -6.79 6.31
C THR B 42 -6.55 -8.21 5.74
N GLN B 43 -7.71 -8.52 5.18
CA GLN B 43 -7.96 -9.83 4.64
C GLN B 43 -7.09 -10.14 3.44
N ILE B 44 -7.02 -9.21 2.50
CA ILE B 44 -6.23 -9.42 1.29
C ILE B 44 -4.76 -9.60 1.64
N GLU B 45 -4.26 -8.74 2.53
CA GLU B 45 -2.86 -8.81 2.90
C GLU B 45 -2.54 -10.16 3.57
N ALA B 46 -3.40 -10.59 4.48
CA ALA B 46 -3.20 -11.88 5.12
C ALA B 46 -3.19 -13.01 4.11
N ASP B 47 -4.11 -12.98 3.14
CA ASP B 47 -4.16 -14.06 2.15
C ASP B 47 -2.92 -14.03 1.27
N ILE B 48 -2.44 -12.86 0.89
CA ILE B 48 -1.21 -12.78 0.08
C ILE B 48 -0.03 -13.35 0.86
N MET B 49 0.11 -12.95 2.14
CA MET B 49 1.25 -13.45 2.88
C MET B 49 1.15 -14.95 3.14
N ASN B 50 -0.08 -15.48 3.22
CA ASN B 50 -0.24 -16.92 3.39
C ASN B 50 0.11 -17.68 2.11
N ILE B 51 -0.27 -17.14 0.96
CA ILE B 51 0.15 -17.73 -0.30
C ILE B 51 1.68 -17.72 -0.38
N VAL B 52 2.31 -16.61 0.01
CA VAL B 52 3.77 -16.57 0.01
C VAL B 52 4.35 -17.66 0.91
N LYS B 53 3.84 -17.74 2.13
CA LYS B 53 4.35 -18.70 3.09
C LYS B 53 4.22 -20.14 2.57
N ARG B 54 3.10 -20.46 1.90
CA ARG B 54 2.88 -21.83 1.45
C ARG B 54 3.64 -22.15 0.17
N ASP B 55 3.73 -21.18 -0.75
CA ASP B 55 4.14 -21.45 -2.13
C ASP B 55 5.53 -20.91 -2.44
N ARG B 56 5.99 -19.84 -1.76
CA ARG B 56 7.32 -19.30 -2.05
C ARG B 56 7.86 -18.50 -0.87
N PRO B 57 8.14 -19.16 0.26
CA PRO B 57 8.31 -18.42 1.52
C PRO B 57 9.48 -17.46 1.55
N GLU B 58 10.48 -17.65 0.69
CA GLU B 58 11.62 -16.75 0.71
C GLU B 58 11.30 -15.37 0.18
N MET B 59 10.14 -15.19 -0.46
CA MET B 59 9.75 -13.91 -1.04
C MET B 59 9.02 -13.01 -0.04
N LYS B 60 8.95 -13.41 1.23
CA LYS B 60 8.17 -12.64 2.21
C LYS B 60 8.61 -11.18 2.27
N ALA B 61 9.91 -10.92 2.46
CA ALA B 61 10.36 -9.54 2.66
C ALA B 61 10.10 -8.68 1.42
N GLU B 62 10.41 -9.20 0.23
CA GLU B 62 10.17 -8.42 -0.97
C GLU B 62 8.69 -8.12 -1.16
N VAL B 63 7.82 -9.11 -0.90
CA VAL B 63 6.39 -8.90 -1.04
C VAL B 63 5.90 -7.85 -0.06
N GLN B 64 6.32 -7.95 1.20
CA GLN B 64 5.95 -6.96 2.21
C GLN B 64 6.32 -5.54 1.77
N LYS B 65 7.54 -5.39 1.25
CA LYS B 65 7.99 -4.06 0.83
C LYS B 65 7.11 -3.50 -0.29
N GLN B 66 6.77 -4.33 -1.28
CA GLN B 66 5.92 -3.85 -2.37
C GLN B 66 4.49 -3.59 -1.93
N LEU B 67 3.95 -4.34 -0.98
CA LEU B 67 2.58 -4.05 -0.55
C LEU B 67 2.52 -2.71 0.18
N LYS B 68 3.57 -2.37 0.95
CA LYS B 68 3.52 -1.10 1.67
C LYS B 68 3.52 0.11 0.73
N SER B 69 4.34 0.08 -0.32
CA SER B 69 4.43 1.24 -1.20
C SER B 69 3.43 1.23 -2.36
N GLY B 70 3.00 0.06 -2.82
CA GLY B 70 2.19 -0.05 -4.02
C GLY B 70 0.71 -0.31 -3.77
N GLY B 71 0.36 -0.62 -2.53
CA GLY B 71 -1.01 -0.83 -2.12
C GLY B 71 -1.46 -2.27 -2.29
N VAL B 72 -2.58 -2.61 -1.63
CA VAL B 72 -3.05 -3.98 -1.70
C VAL B 72 -4.41 -4.10 -2.35
N MET B 73 -5.18 -3.01 -2.48
CA MET B 73 -6.57 -3.16 -2.93
C MET B 73 -6.65 -3.58 -4.39
N GLN B 74 -5.60 -3.32 -5.18
CA GLN B 74 -5.60 -3.70 -6.58
C GLN B 74 -5.64 -5.20 -6.77
N TYR B 75 -5.42 -6.01 -5.73
CA TYR B 75 -5.38 -7.46 -5.87
C TYR B 75 -6.69 -8.13 -5.50
N ASN B 76 -7.68 -7.34 -5.06
CA ASN B 76 -8.98 -7.86 -4.62
C ASN B 76 -9.64 -8.68 -5.71
N TYR B 77 -9.68 -8.13 -6.91
CA TYR B 77 -10.38 -8.78 -8.01
C TYR B 77 -9.72 -10.10 -8.42
N VAL B 78 -8.42 -10.11 -8.69
CA VAL B 78 -7.82 -11.35 -9.17
C VAL B 78 -7.86 -12.44 -8.09
N LEU B 79 -7.77 -12.08 -6.79
CA LEU B 79 -7.69 -13.12 -5.76
C LEU B 79 -9.03 -13.79 -5.49
N TYR B 80 -10.14 -13.01 -5.52
CA TYR B 80 -11.43 -13.48 -5.04
C TYR B 80 -12.51 -13.51 -6.10
N CYS B 81 -12.39 -12.77 -7.20
CA CYS B 81 -13.50 -12.61 -8.14
C CYS B 81 -13.14 -13.02 -9.57
N ASP B 82 -12.10 -13.87 -9.74
CA ASP B 82 -11.57 -14.24 -11.06
C ASP B 82 -11.17 -15.71 -11.09
N LYS B 83 -12.05 -16.56 -11.64
CA LYS B 83 -11.79 -17.99 -11.64
C LYS B 83 -10.59 -18.37 -12.48
N ASN B 84 -10.21 -17.54 -13.44
CA ASN B 84 -9.10 -17.86 -14.32
C ASN B 84 -7.74 -17.53 -13.71
N PHE B 85 -7.69 -16.90 -12.56
CA PHE B 85 -6.42 -16.52 -11.96
C PHE B 85 -6.05 -17.54 -10.87
N ASN B 86 -4.92 -18.22 -11.06
CA ASN B 86 -4.42 -19.12 -10.02
C ASN B 86 -3.71 -18.25 -8.99
N ASN B 87 -4.17 -18.28 -7.75
CA ASN B 87 -3.67 -17.35 -6.75
C ASN B 87 -2.18 -17.54 -6.45
N LYS B 88 -1.60 -18.70 -6.78
CA LYS B 88 -0.16 -18.86 -6.66
C LYS B 88 0.58 -17.79 -7.46
N ASN B 89 -0.05 -17.24 -8.50
CA ASN B 89 0.58 -16.23 -9.37
C ASN B 89 0.51 -14.82 -8.79
N ILE B 90 -0.05 -14.65 -7.60
CA ILE B 90 -0.09 -13.33 -6.98
C ILE B 90 1.31 -12.86 -6.61
N ILE B 91 2.26 -13.76 -6.40
CA ILE B 91 3.60 -13.32 -6.01
C ILE B 91 4.23 -12.59 -7.18
N ALA B 92 4.11 -13.17 -8.38
CA ALA B 92 4.60 -12.47 -9.56
C ALA B 92 3.82 -11.17 -9.79
N GLU B 93 2.52 -11.18 -9.50
CA GLU B 93 1.70 -9.99 -9.70
C GLU B 93 2.21 -8.85 -8.82
N VAL B 94 2.56 -9.16 -7.56
CA VAL B 94 3.01 -8.13 -6.63
C VAL B 94 4.39 -7.62 -6.99
N VAL B 95 5.37 -8.53 -7.14
CA VAL B 95 6.74 -8.10 -7.37
C VAL B 95 7.15 -8.00 -8.84
N GLY B 96 6.35 -8.53 -9.75
CA GLY B 96 6.71 -8.60 -11.16
C GLY B 96 7.30 -9.94 -11.54
N GLU B 97 6.92 -10.50 -12.68
CA GLU B 97 7.43 -11.80 -13.10
C GLU B 97 8.94 -11.78 -13.20
N LEU B 98 9.56 -12.93 -12.90
CA LEU B 98 10.98 -13.10 -13.18
C LEU B 98 11.24 -13.29 -14.67
#